data_3EMT
#
_entry.id   3EMT
#
_cell.length_a   70.212
_cell.length_b   70.212
_cell.length_c   104.668
_cell.angle_alpha   90.00
_cell.angle_beta   90.00
_cell.angle_gamma   120.00
#
_symmetry.space_group_name_H-M   'P 63'
#
loop_
_entity.id
_entity.type
_entity.pdbx_description
1 polymer 'Nucleoside diphosphate kinase'
2 non-polymer 'MAGNESIUM ION'
3 non-polymer "2'-DEOXYGUANOSINE-5'-DIPHOSPHATE"
4 water water
#
_entity_poly.entity_id   1
_entity_poly.type   'polypeptide(L)'
_entity_poly.pdbx_seq_one_letter_code
;YKKAGLQRTLVLIKPDAFERSLVAEIMGRIEKKNFKIVSMKFWSKAPRNLIEQHYKEHSEQSYFNDNCDFMVSGPIISIV
YEGTDAISKIRRLQGNTNPLASAPGTIRGDLANDIGENLIHASDSEDSAVDEISIWFPETKMETDN
;
_entity_poly.pdbx_strand_id   A,B
#
loop_
_chem_comp.id
_chem_comp.type
_chem_comp.name
_chem_comp.formula
DGI DNA linking 2'-DEOXYGUANOSINE-5'-DIPHOSPHATE 'C10 H15 N5 O10 P2'
MG non-polymer 'MAGNESIUM ION' 'Mg 2'
#
# COMPACT_ATOMS: atom_id res chain seq x y z
N GLN A 7 20.44 -1.18 -3.27
CA GLN A 7 19.95 0.04 -3.90
C GLN A 7 18.55 0.36 -3.41
N ARG A 8 18.21 1.65 -3.48
CA ARG A 8 16.84 2.08 -3.25
C ARG A 8 16.31 2.72 -4.51
N THR A 9 15.07 2.41 -4.86
CA THR A 9 14.45 2.98 -6.03
C THR A 9 13.08 3.57 -5.70
N LEU A 10 12.64 4.53 -6.50
CA LEU A 10 11.36 5.20 -6.27
C LEU A 10 10.34 4.67 -7.25
N VAL A 11 9.25 4.15 -6.73
CA VAL A 11 8.13 3.65 -7.54
C VAL A 11 6.89 4.51 -7.30
N LEU A 12 6.18 4.85 -8.37
CA LEU A 12 4.86 5.45 -8.24
C LEU A 12 3.82 4.48 -8.75
N ILE A 13 2.77 4.28 -7.96
CA ILE A 13 1.55 3.65 -8.45
C ILE A 13 0.64 4.77 -8.95
N LYS A 14 0.35 4.76 -10.24
CA LYS A 14 -0.28 5.89 -10.91
C LYS A 14 -1.82 5.86 -10.81
N PRO A 15 -2.48 6.98 -11.14
CA PRO A 15 -3.92 7.05 -10.92
C PRO A 15 -4.74 6.01 -11.69
N ASP A 16 -4.23 5.52 -12.81
CA ASP A 16 -4.96 4.49 -13.54
C ASP A 16 -5.02 3.18 -12.77
N ALA A 17 -4.02 2.92 -11.94
CA ALA A 17 -4.03 1.71 -11.11
C ALA A 17 -5.18 1.78 -10.10
N PHE A 18 -5.44 2.97 -9.57
CA PHE A 18 -6.57 3.14 -8.67
C PHE A 18 -7.90 3.00 -9.40
N GLU A 19 -8.02 3.67 -10.55
CA GLU A 19 -9.24 3.58 -11.32
C GLU A 19 -9.59 2.14 -11.70
N ARG A 20 -8.58 1.34 -12.02
CA ARG A 20 -8.78 -0.02 -12.50
C ARG A 20 -8.64 -1.07 -11.41
N SER A 21 -8.49 -0.63 -10.16
CA SER A 21 -8.35 -1.52 -9.01
C SER A 21 -7.22 -2.53 -9.18
N LEU A 22 -6.07 -2.02 -9.61
CA LEU A 22 -4.86 -2.82 -9.83
C LEU A 22 -3.71 -2.52 -8.87
N VAL A 23 -3.99 -1.77 -7.80
CA VAL A 23 -2.94 -1.35 -6.88
C VAL A 23 -2.26 -2.56 -6.25
N ALA A 24 -3.07 -3.47 -5.71
CA ALA A 24 -2.52 -4.64 -5.03
C ALA A 24 -1.83 -5.56 -6.02
N GLU A 25 -2.38 -5.65 -7.22
CA GLU A 25 -1.77 -6.51 -8.23
C GLU A 25 -0.36 -6.05 -8.55
N ILE A 26 -0.18 -4.75 -8.71
CA ILE A 26 1.13 -4.20 -9.05
C ILE A 26 2.09 -4.35 -7.86
N MET A 27 1.64 -3.94 -6.68
CA MET A 27 2.47 -4.07 -5.49
C MET A 27 2.82 -5.52 -5.22
N GLY A 28 1.88 -6.41 -5.50
CA GLY A 28 2.09 -7.84 -5.30
C GLY A 28 3.18 -8.42 -6.18
N ARG A 29 3.27 -7.94 -7.41
CA ARG A 29 4.33 -8.42 -8.30
C ARG A 29 5.72 -8.04 -7.79
N ILE A 30 5.84 -6.85 -7.21
CA ILE A 30 7.10 -6.42 -6.62
C ILE A 30 7.37 -7.16 -5.30
N GLU A 31 6.33 -7.31 -4.49
CA GLU A 31 6.47 -8.03 -3.22
C GLU A 31 6.93 -9.48 -3.42
N LYS A 32 6.37 -10.16 -4.42
CA LYS A 32 6.70 -11.57 -4.67
C LYS A 32 8.14 -11.76 -5.17
N LYS A 33 8.75 -10.66 -5.62
CA LYS A 33 10.13 -10.69 -6.07
C LYS A 33 11.08 -10.44 -4.89
N ASN A 34 10.50 -10.24 -3.71
CA ASN A 34 11.25 -10.12 -2.46
C ASN A 34 11.92 -8.77 -2.24
N PHE A 35 11.34 -7.70 -2.78
CA PHE A 35 11.78 -6.35 -2.46
C PHE A 35 11.06 -5.82 -1.23
N LYS A 36 11.80 -5.07 -0.42
CA LYS A 36 11.28 -4.58 0.85
C LYS A 36 10.91 -3.11 0.75
N ILE A 37 9.73 -2.78 1.29
CA ILE A 37 9.29 -1.39 1.36
C ILE A 37 10.05 -0.70 2.48
N VAL A 38 10.68 0.42 2.14
CA VAL A 38 11.44 1.19 3.13
C VAL A 38 10.72 2.50 3.52
N SER A 39 10.01 3.08 2.55
CA SER A 39 9.13 4.22 2.81
C SER A 39 7.93 4.13 1.88
N MET A 40 6.81 4.72 2.29
CA MET A 40 5.62 4.76 1.43
C MET A 40 4.72 5.92 1.82
N LYS A 41 4.18 6.60 0.83
CA LYS A 41 3.21 7.67 1.06
C LYS A 41 2.03 7.56 0.11
N PHE A 42 0.85 7.86 0.62
CA PHE A 42 -0.36 7.90 -0.18
C PHE A 42 -0.74 9.35 -0.43
N TRP A 43 -1.04 9.65 -1.69
CA TRP A 43 -1.46 11.00 -2.08
C TRP A 43 -2.85 10.93 -2.67
N SER A 44 -3.82 11.59 -2.04
CA SER A 44 -5.17 11.62 -2.59
C SER A 44 -5.13 12.34 -3.93
N LYS A 45 -4.31 13.38 -3.99
CA LYS A 45 -3.97 14.05 -5.25
C LYS A 45 -2.61 14.71 -5.06
N ALA A 46 -1.64 14.31 -5.86
CA ALA A 46 -0.32 14.90 -5.76
C ALA A 46 -0.37 16.34 -6.25
N PRO A 47 0.39 17.23 -5.60
CA PRO A 47 0.48 18.61 -6.09
C PRO A 47 1.06 18.65 -7.51
N ARG A 48 0.47 19.45 -8.40
CA ARG A 48 0.97 19.52 -9.76
C ARG A 48 2.44 19.88 -9.81
N ASN A 49 2.88 20.79 -8.93
CA ASN A 49 4.28 21.17 -8.94
C ASN A 49 5.21 19.97 -8.71
N LEU A 50 4.79 19.06 -7.84
CA LEU A 50 5.56 17.85 -7.57
C LEU A 50 5.68 17.00 -8.84
N ILE A 51 4.56 16.85 -9.54
CA ILE A 51 4.52 16.07 -10.78
C ILE A 51 5.41 16.72 -11.84
N GLU A 52 5.34 18.05 -11.96
CA GLU A 52 6.18 18.76 -12.93
C GLU A 52 7.66 18.57 -12.64
N GLN A 53 8.03 18.56 -11.36
CA GLN A 53 9.42 18.33 -10.98
C GLN A 53 9.85 16.90 -11.28
N HIS A 54 8.99 15.95 -10.94
CA HIS A 54 9.26 14.55 -11.20
C HIS A 54 9.55 14.32 -12.67
N TYR A 55 8.78 14.99 -13.52
CA TYR A 55 8.93 14.82 -14.97
C TYR A 55 9.58 16.01 -15.66
N LYS A 56 10.43 16.73 -14.93
CA LYS A 56 10.98 17.97 -15.48
C LYS A 56 11.74 17.77 -16.80
N GLU A 57 12.34 16.60 -16.97
CA GLU A 57 13.10 16.32 -18.20
C GLU A 57 12.20 16.20 -19.44
N HIS A 58 10.90 16.08 -19.23
CA HIS A 58 9.92 16.00 -20.32
C HIS A 58 9.20 17.32 -20.57
N SER A 59 9.68 18.38 -19.95
CA SER A 59 8.98 19.66 -19.97
C SER A 59 8.74 20.22 -21.37
N GLU A 60 9.61 19.86 -22.32
CA GLU A 60 9.47 20.36 -23.70
C GLU A 60 8.71 19.40 -24.61
N GLN A 61 8.34 18.23 -24.09
CA GLN A 61 7.63 17.24 -24.87
C GLN A 61 6.16 17.62 -25.06
N SER A 62 5.57 17.20 -26.18
CA SER A 62 4.20 17.56 -26.49
C SER A 62 3.19 17.02 -25.47
N TYR A 63 3.54 15.91 -24.83
CA TYR A 63 2.64 15.25 -23.89
C TYR A 63 2.80 15.74 -22.46
N PHE A 64 3.72 16.67 -22.23
CA PHE A 64 4.04 17.07 -20.85
C PHE A 64 2.81 17.49 -20.06
N ASN A 65 2.03 18.42 -20.58
CA ASN A 65 0.86 18.89 -19.83
C ASN A 65 -0.21 17.80 -19.65
N ASP A 66 -0.49 17.06 -20.72
CA ASP A 66 -1.47 15.98 -20.65
C ASP A 66 -1.06 14.94 -19.60
N ASN A 67 0.23 14.64 -19.55
CA ASN A 67 0.74 13.68 -18.56
C ASN A 67 0.60 14.21 -17.14
N CYS A 68 0.90 15.49 -16.95
CA CYS A 68 0.74 16.11 -15.63
C CYS A 68 -0.74 16.09 -15.22
N ASP A 69 -1.63 16.41 -16.14
CA ASP A 69 -3.07 16.34 -15.87
C ASP A 69 -3.47 14.94 -15.42
N PHE A 70 -3.00 13.93 -16.15
CA PHE A 70 -3.29 12.54 -15.79
C PHE A 70 -2.77 12.19 -14.39
N MET A 71 -1.55 12.63 -14.08
CA MET A 71 -0.93 12.26 -12.82
C MET A 71 -1.59 12.90 -11.60
N VAL A 72 -2.35 13.97 -11.82
CA VAL A 72 -3.11 14.58 -10.71
C VAL A 72 -4.60 14.25 -10.78
N SER A 73 -4.97 13.33 -11.67
CA SER A 73 -6.38 13.00 -11.91
C SER A 73 -6.96 12.02 -10.89
N GLY A 74 -6.09 11.49 -10.03
CA GLY A 74 -6.48 10.51 -9.04
C GLY A 74 -5.32 10.28 -8.08
N PRO A 75 -5.47 9.31 -7.17
CA PRO A 75 -4.41 9.12 -6.17
C PRO A 75 -3.13 8.54 -6.76
N ILE A 76 -2.06 8.70 -6.01
CA ILE A 76 -0.78 8.07 -6.29
C ILE A 76 -0.28 7.48 -4.98
N ILE A 77 0.40 6.33 -5.06
CA ILE A 77 1.20 5.87 -3.94
C ILE A 77 2.66 5.95 -4.36
N SER A 78 3.48 6.62 -3.56
CA SER A 78 4.92 6.64 -3.81
C SER A 78 5.59 5.70 -2.83
N ILE A 79 6.50 4.88 -3.33
CA ILE A 79 7.13 3.84 -2.52
C ILE A 79 8.62 3.85 -2.78
N VAL A 80 9.41 3.74 -1.71
CA VAL A 80 10.82 3.46 -1.87
C VAL A 80 11.04 1.98 -1.60
N TYR A 81 11.57 1.27 -2.59
CA TYR A 81 11.87 -0.14 -2.44
C TYR A 81 13.36 -0.33 -2.34
N GLU A 82 13.76 -1.35 -1.60
CA GLU A 82 15.17 -1.63 -1.38
C GLU A 82 15.50 -3.09 -1.71
N GLY A 83 16.65 -3.29 -2.35
CA GLY A 83 17.10 -4.62 -2.70
C GLY A 83 18.37 -4.54 -3.51
N THR A 84 19.09 -5.65 -3.63
CA THR A 84 20.28 -5.67 -4.46
C THR A 84 19.89 -5.41 -5.90
N ASP A 85 20.52 -4.40 -6.51
CA ASP A 85 20.22 -3.99 -7.89
C ASP A 85 18.73 -3.74 -8.09
N ALA A 86 18.08 -3.15 -7.08
CA ALA A 86 16.64 -2.94 -7.15
C ALA A 86 16.22 -2.06 -8.33
N ILE A 87 17.07 -1.10 -8.71
CA ILE A 87 16.68 -0.17 -9.75
C ILE A 87 16.45 -0.89 -11.09
N SER A 88 17.47 -1.59 -11.56
CA SER A 88 17.33 -2.30 -12.84
C SER A 88 16.31 -3.42 -12.76
N LYS A 89 16.25 -4.10 -11.62
CA LYS A 89 15.35 -5.25 -11.52
C LYS A 89 13.89 -4.80 -11.60
N ILE A 90 13.56 -3.72 -10.90
CA ILE A 90 12.18 -3.26 -10.91
C ILE A 90 11.83 -2.63 -12.26
N ARG A 91 12.82 -2.02 -12.90
CA ARG A 91 12.61 -1.53 -14.27
C ARG A 91 12.25 -2.69 -15.21
N ARG A 92 12.94 -3.82 -15.06
CA ARG A 92 12.62 -4.96 -15.92
C ARG A 92 11.23 -5.52 -15.63
N LEU A 93 10.85 -5.57 -14.34
CA LEU A 93 9.49 -6.01 -14.01
C LEU A 93 8.43 -5.05 -14.55
N GLN A 94 8.75 -3.76 -14.54
CA GLN A 94 7.83 -2.72 -15.00
C GLN A 94 7.47 -2.93 -16.46
N GLY A 95 8.47 -3.08 -17.30
CA GLY A 95 8.25 -3.24 -18.73
C GLY A 95 8.33 -1.93 -19.49
N ASN A 96 8.48 -2.04 -20.80
CA ASN A 96 8.67 -0.87 -21.63
C ASN A 96 7.47 0.09 -21.62
N THR A 97 7.74 1.39 -21.78
CA THR A 97 6.68 2.39 -21.85
C THR A 97 5.71 2.11 -23.00
N ASN A 98 6.23 1.62 -24.11
CA ASN A 98 5.41 1.47 -25.31
C ASN A 98 4.67 0.15 -25.31
N PRO A 99 3.34 0.22 -25.38
CA PRO A 99 2.48 -0.96 -25.36
C PRO A 99 2.73 -1.87 -26.57
N LEU A 100 3.43 -1.39 -27.60
CA LEU A 100 3.83 -2.25 -28.70
C LEU A 100 5.08 -3.08 -28.39
N ALA A 101 5.72 -2.79 -27.25
CA ALA A 101 6.99 -3.42 -26.90
C ALA A 101 7.00 -4.12 -25.54
N SER A 102 6.23 -3.62 -24.58
CA SER A 102 6.29 -4.19 -23.23
C SER A 102 5.95 -5.67 -23.29
N ALA A 103 6.76 -6.48 -22.62
CA ALA A 103 6.68 -7.93 -22.79
C ALA A 103 5.63 -8.55 -21.88
N PRO A 104 4.85 -9.51 -22.40
CA PRO A 104 4.00 -10.33 -21.54
C PRO A 104 4.85 -10.86 -20.38
N GLY A 105 4.28 -10.82 -19.17
CA GLY A 105 4.99 -11.21 -17.97
C GLY A 105 5.43 -10.00 -17.14
N THR A 106 5.59 -8.86 -17.80
CA THR A 106 5.89 -7.60 -17.11
C THR A 106 4.59 -6.94 -16.66
N ILE A 107 4.71 -5.97 -15.75
CA ILE A 107 3.53 -5.27 -15.24
C ILE A 107 2.80 -4.58 -16.40
N ARG A 108 3.53 -3.79 -17.18
CA ARG A 108 2.91 -3.08 -18.30
C ARG A 108 2.53 -4.04 -19.42
N GLY A 109 3.36 -5.05 -19.66
CA GLY A 109 3.06 -6.02 -20.69
C GLY A 109 1.76 -6.76 -20.46
N ASP A 110 1.46 -7.04 -19.19
CA ASP A 110 0.25 -7.78 -18.85
C ASP A 110 -0.96 -6.87 -18.64
N LEU A 111 -0.72 -5.64 -18.17
CA LEU A 111 -1.81 -4.82 -17.65
C LEU A 111 -2.04 -3.46 -18.31
N ALA A 112 -1.02 -2.90 -18.96
CA ALA A 112 -1.13 -1.54 -19.51
C ALA A 112 -1.41 -1.58 -21.00
N ASN A 113 -2.27 -0.69 -21.47
CA ASN A 113 -2.63 -0.67 -22.88
C ASN A 113 -2.54 0.72 -23.50
N ASP A 114 -1.74 1.58 -22.87
CA ASP A 114 -1.56 2.94 -23.33
C ASP A 114 -0.16 3.43 -22.97
N ILE A 115 0.39 4.29 -23.83
CA ILE A 115 1.73 4.83 -23.61
C ILE A 115 1.79 5.77 -22.40
N GLY A 116 0.70 6.48 -22.14
CA GLY A 116 0.64 7.43 -21.03
C GLY A 116 0.07 6.83 -19.76
N GLU A 117 -1.10 6.23 -19.88
CA GLU A 117 -1.75 5.58 -18.75
C GLU A 117 -1.12 4.19 -18.62
N ASN A 118 -0.01 4.14 -17.90
CA ASN A 118 0.84 2.95 -17.93
C ASN A 118 1.18 2.43 -16.53
N LEU A 119 0.31 2.76 -15.58
CA LEU A 119 0.20 2.14 -14.24
C LEU A 119 1.29 2.42 -13.22
N ILE A 120 2.54 2.50 -13.68
CA ILE A 120 3.66 2.49 -12.76
C ILE A 120 4.85 3.28 -13.25
N HIS A 121 5.45 4.06 -12.35
CA HIS A 121 6.75 4.66 -12.54
C HIS A 121 7.80 3.91 -11.75
N ALA A 122 9.00 3.77 -12.30
CA ALA A 122 10.15 3.26 -11.56
C ALA A 122 11.40 4.02 -11.95
N SER A 123 12.22 4.42 -10.97
CA SER A 123 13.45 5.16 -11.28
C SER A 123 14.31 4.40 -12.30
N ASP A 124 14.97 5.14 -13.19
CA ASP A 124 15.71 4.48 -14.27
C ASP A 124 17.22 4.38 -14.05
N SER A 125 17.71 5.05 -13.01
CA SER A 125 19.13 5.06 -12.70
C SER A 125 19.35 5.44 -11.25
N GLU A 126 20.57 5.24 -10.75
CA GLU A 126 20.88 5.65 -9.38
C GLU A 126 20.73 7.16 -9.19
N ASP A 127 21.18 7.93 -10.17
CA ASP A 127 21.05 9.38 -10.07
C ASP A 127 19.59 9.84 -10.03
N SER A 128 18.75 9.28 -10.89
CA SER A 128 17.33 9.63 -10.89
C SER A 128 16.62 9.11 -9.64
N ALA A 129 17.05 7.96 -9.13
CA ALA A 129 16.47 7.45 -7.89
C ALA A 129 16.70 8.44 -6.74
N VAL A 130 17.91 8.97 -6.64
CA VAL A 130 18.21 9.94 -5.60
C VAL A 130 17.34 11.18 -5.73
N ASP A 131 17.26 11.72 -6.94
CA ASP A 131 16.45 12.90 -7.20
C ASP A 131 14.97 12.66 -6.90
N GLU A 132 14.44 11.54 -7.37
CA GLU A 132 13.01 11.26 -7.19
C GLU A 132 12.64 10.97 -5.73
N ILE A 133 13.50 10.23 -5.04
CA ILE A 133 13.29 9.99 -3.62
C ILE A 133 13.30 11.32 -2.85
N SER A 134 14.18 12.24 -3.25
CA SER A 134 14.23 13.55 -2.60
C SER A 134 12.98 14.41 -2.88
N ILE A 135 12.37 14.21 -4.04
CA ILE A 135 11.13 14.88 -4.39
C ILE A 135 9.95 14.39 -3.56
N TRP A 136 9.81 13.06 -3.48
CA TRP A 136 8.64 12.44 -2.89
C TRP A 136 8.76 12.26 -1.39
N PHE A 137 10.01 12.17 -0.94
CA PHE A 137 10.32 11.96 0.48
C PHE A 137 11.43 12.91 0.92
N PRO A 138 11.13 14.22 0.93
CA PRO A 138 12.17 15.21 1.23
C PRO A 138 12.70 15.08 2.65
N GLU A 139 11.90 14.55 3.57
CA GLU A 139 12.37 14.29 4.92
C GLU A 139 13.78 13.74 4.88
N LEU B 6 -22.38 5.43 3.85
CA LEU B 6 -20.95 5.61 3.58
C LEU B 6 -20.16 5.76 4.88
N GLN B 7 -19.17 4.90 5.06
CA GLN B 7 -18.39 4.87 6.30
C GLN B 7 -16.90 4.80 6.01
N ARG B 8 -16.10 5.20 7.00
CA ARG B 8 -14.66 4.98 6.97
C ARG B 8 -14.29 4.02 8.07
N THR B 9 -13.35 3.13 7.79
CA THR B 9 -12.86 2.20 8.79
C THR B 9 -11.33 2.18 8.77
N LEU B 10 -10.74 1.79 9.90
CA LEU B 10 -9.28 1.78 10.03
C LEU B 10 -8.79 0.34 9.98
N VAL B 11 -7.89 0.08 9.05
CA VAL B 11 -7.28 -1.23 8.91
C VAL B 11 -5.78 -1.13 9.22
N LEU B 12 -5.25 -2.09 9.97
CA LEU B 12 -3.80 -2.25 10.10
C LEU B 12 -3.39 -3.53 9.42
N ILE B 13 -2.36 -3.43 8.58
CA ILE B 13 -1.68 -4.60 8.05
C ILE B 13 -0.55 -4.88 9.02
N LYS B 14 -0.60 -6.04 9.67
CA LYS B 14 0.28 -6.35 10.78
C LYS B 14 1.67 -6.89 10.37
N PRO B 15 2.63 -6.90 11.31
CA PRO B 15 4.00 -7.27 10.91
C PRO B 15 4.13 -8.69 10.32
N ASP B 16 3.23 -9.61 10.69
CA ASP B 16 3.30 -10.95 10.11
C ASP B 16 3.01 -10.95 8.62
N ALA B 17 2.18 -10.01 8.16
CA ALA B 17 1.90 -9.88 6.73
C ALA B 17 3.17 -9.49 5.97
N PHE B 18 3.98 -8.63 6.58
CA PHE B 18 5.25 -8.26 5.96
C PHE B 18 6.21 -9.46 5.94
N GLU B 19 6.34 -10.12 7.08
CA GLU B 19 7.22 -11.29 7.18
C GLU B 19 6.88 -12.38 6.16
N ARG B 20 5.58 -12.59 5.93
CA ARG B 20 5.11 -13.67 5.07
C ARG B 20 4.80 -13.21 3.64
N SER B 21 5.13 -11.95 3.35
CA SER B 21 4.89 -11.38 2.02
C SER B 21 3.44 -11.50 1.57
N LEU B 22 2.54 -11.13 2.48
CA LEU B 22 1.10 -11.21 2.22
C LEU B 22 0.42 -9.84 2.18
N VAL B 23 1.23 -8.78 2.14
CA VAL B 23 0.67 -7.43 2.19
C VAL B 23 -0.27 -7.18 1.01
N ALA B 24 0.21 -7.40 -0.20
CA ALA B 24 -0.64 -7.21 -1.38
C ALA B 24 -1.83 -8.17 -1.44
N GLU B 25 -1.64 -9.42 -0.99
CA GLU B 25 -2.74 -10.37 -0.96
C GLU B 25 -3.89 -9.83 -0.11
N ILE B 26 -3.55 -9.31 1.07
CA ILE B 26 -4.57 -8.79 1.97
C ILE B 26 -5.23 -7.52 1.43
N MET B 27 -4.40 -6.57 0.98
CA MET B 27 -4.94 -5.34 0.39
C MET B 27 -5.78 -5.63 -0.85
N GLY B 28 -5.37 -6.65 -1.60
CA GLY B 28 -6.07 -7.04 -2.82
C GLY B 28 -7.47 -7.58 -2.55
N ARG B 29 -7.62 -8.31 -1.45
CA ARG B 29 -8.94 -8.83 -1.12
C ARG B 29 -9.90 -7.67 -0.80
N ILE B 30 -9.39 -6.66 -0.12
CA ILE B 30 -10.23 -5.50 0.17
C ILE B 30 -10.49 -4.67 -1.09
N GLU B 31 -9.47 -4.53 -1.94
CA GLU B 31 -9.61 -3.76 -3.18
C GLU B 31 -10.62 -4.36 -4.15
N LYS B 32 -10.65 -5.69 -4.23
CA LYS B 32 -11.53 -6.40 -5.15
C LYS B 32 -12.99 -6.30 -4.71
N LYS B 33 -13.18 -5.91 -3.45
CA LYS B 33 -14.53 -5.73 -2.89
C LYS B 33 -15.03 -4.31 -3.19
N ASN B 34 -14.17 -3.51 -3.82
CA ASN B 34 -14.49 -2.16 -4.28
C ASN B 34 -14.42 -1.07 -3.19
N PHE B 35 -13.65 -1.33 -2.14
CA PHE B 35 -13.37 -0.32 -1.14
C PHE B 35 -12.23 0.58 -1.56
N LYS B 36 -12.36 1.86 -1.24
CA LYS B 36 -11.39 2.86 -1.67
C LYS B 36 -10.48 3.31 -0.53
N ILE B 37 -9.19 3.41 -0.81
CA ILE B 37 -8.24 3.96 0.14
C ILE B 37 -8.41 5.47 0.17
N VAL B 38 -8.59 6.04 1.36
CA VAL B 38 -8.63 7.49 1.45
C VAL B 38 -7.48 8.09 2.27
N SER B 39 -6.86 7.26 3.11
CA SER B 39 -5.63 7.62 3.80
C SER B 39 -4.79 6.36 3.96
N MET B 40 -3.47 6.53 3.97
CA MET B 40 -2.58 5.40 4.22
C MET B 40 -1.21 5.88 4.69
N LYS B 41 -0.68 5.23 5.71
CA LYS B 41 0.67 5.52 6.19
C LYS B 41 1.45 4.23 6.41
N PHE B 42 2.73 4.25 6.08
CA PHE B 42 3.63 3.12 6.31
C PHE B 42 4.47 3.41 7.54
N TRP B 43 4.53 2.45 8.46
CA TRP B 43 5.35 2.58 9.65
C TRP B 43 6.44 1.51 9.64
N SER B 44 7.71 1.91 9.57
CA SER B 44 8.78 0.93 9.61
C SER B 44 8.73 0.19 10.95
N LYS B 45 8.40 0.94 11.99
CA LYS B 45 8.13 0.39 13.32
C LYS B 45 7.19 1.37 14.00
N ALA B 46 5.98 0.91 14.34
CA ALA B 46 5.01 1.78 15.00
C ALA B 46 5.49 2.09 16.41
N PRO B 47 5.24 3.32 16.87
CA PRO B 47 5.58 3.71 18.25
C PRO B 47 4.80 2.86 19.25
N ARG B 48 5.46 2.41 20.31
CA ARG B 48 4.82 1.59 21.34
C ARG B 48 3.56 2.25 21.89
N ASN B 49 3.61 3.57 22.10
CA ASN B 49 2.47 4.25 22.69
C ASN B 49 1.21 4.24 21.83
N LEU B 50 1.36 4.34 20.51
CA LEU B 50 0.21 4.27 19.61
C LEU B 50 -0.39 2.87 19.64
N ILE B 51 0.48 1.87 19.70
CA ILE B 51 0.02 0.48 19.76
C ILE B 51 -0.76 0.25 21.06
N GLU B 52 -0.21 0.71 22.16
CA GLU B 52 -0.87 0.52 23.45
C GLU B 52 -2.19 1.26 23.54
N GLN B 53 -2.26 2.42 22.88
CA GLN B 53 -3.51 3.15 22.82
C GLN B 53 -4.54 2.46 21.92
N HIS B 54 -4.06 1.96 20.79
CA HIS B 54 -4.90 1.25 19.85
C HIS B 54 -5.56 0.07 20.54
N TYR B 55 -4.80 -0.62 21.38
CA TYR B 55 -5.30 -1.83 22.05
C TYR B 55 -5.62 -1.60 23.52
N LYS B 56 -5.95 -0.36 23.88
CA LYS B 56 -6.12 0.00 25.29
C LYS B 56 -7.19 -0.84 26.00
N GLU B 57 -8.17 -1.34 25.26
CA GLU B 57 -9.23 -2.18 25.83
C GLU B 57 -8.66 -3.46 26.44
N HIS B 58 -7.50 -3.88 25.94
CA HIS B 58 -6.90 -5.16 26.30
C HIS B 58 -5.75 -5.01 27.28
N SER B 59 -5.57 -3.79 27.80
CA SER B 59 -4.40 -3.49 28.62
C SER B 59 -4.22 -4.38 29.85
N GLU B 60 -5.33 -4.93 30.36
CA GLU B 60 -5.26 -5.76 31.57
C GLU B 60 -5.35 -7.26 31.27
N GLN B 61 -5.28 -7.61 29.99
CA GLN B 61 -5.33 -9.01 29.58
C GLN B 61 -3.93 -9.62 29.56
N SER B 62 -3.86 -10.93 29.75
CA SER B 62 -2.56 -11.59 29.88
C SER B 62 -1.71 -11.48 28.63
N TYR B 63 -2.35 -11.36 27.47
CA TYR B 63 -1.63 -11.31 26.20
C TYR B 63 -1.23 -9.90 25.74
N PHE B 64 -1.60 -8.89 26.53
CA PHE B 64 -1.37 -7.49 26.12
C PHE B 64 0.08 -7.18 25.75
N ASN B 65 1.00 -7.50 26.66
CA ASN B 65 2.40 -7.17 26.41
C ASN B 65 2.95 -7.93 25.21
N ASP B 66 2.61 -9.20 25.09
CA ASP B 66 3.08 -10.01 23.97
C ASP B 66 2.52 -9.48 22.65
N ASN B 67 1.25 -9.10 22.68
CA ASN B 67 0.61 -8.53 21.49
C ASN B 67 1.28 -7.23 21.07
N CYS B 68 1.57 -6.38 22.04
CA CYS B 68 2.23 -5.11 21.74
C CYS B 68 3.65 -5.35 21.20
N ASP B 69 4.35 -6.31 21.80
CA ASP B 69 5.69 -6.66 21.31
C ASP B 69 5.63 -7.13 19.86
N PHE B 70 4.68 -8.00 19.56
CA PHE B 70 4.49 -8.46 18.18
C PHE B 70 4.21 -7.31 17.24
N MET B 71 3.36 -6.39 17.67
CA MET B 71 2.93 -5.28 16.81
C MET B 71 4.04 -4.28 16.51
N VAL B 72 5.10 -4.28 17.32
CA VAL B 72 6.27 -3.44 17.01
C VAL B 72 7.48 -4.24 16.53
N SER B 73 7.25 -5.50 16.16
CA SER B 73 8.32 -6.42 15.75
C SER B 73 8.67 -6.29 14.25
N GLY B 74 7.91 -5.48 13.54
CA GLY B 74 8.10 -5.28 12.11
C GLY B 74 7.22 -4.15 11.64
N PRO B 75 7.22 -3.87 10.32
CA PRO B 75 6.42 -2.76 9.81
C PRO B 75 4.92 -3.00 9.94
N ILE B 76 4.16 -1.91 9.91
CA ILE B 76 2.72 -1.99 9.73
C ILE B 76 2.29 -0.93 8.71
N ILE B 77 1.17 -1.20 8.04
CA ILE B 77 0.52 -0.17 7.26
C ILE B 77 -0.83 0.15 7.91
N SER B 78 -1.09 1.45 8.11
CA SER B 78 -2.41 1.87 8.58
C SER B 78 -3.16 2.47 7.40
N ILE B 79 -4.37 1.99 7.18
CA ILE B 79 -5.15 2.41 6.02
C ILE B 79 -6.55 2.81 6.46
N VAL B 80 -7.05 3.90 5.91
CA VAL B 80 -8.46 4.22 6.08
C VAL B 80 -9.17 3.86 4.79
N TYR B 81 -10.13 2.96 4.89
CA TYR B 81 -10.95 2.54 3.75
C TYR B 81 -12.33 3.15 3.83
N GLU B 82 -12.89 3.49 2.68
CA GLU B 82 -14.21 4.10 2.63
C GLU B 82 -15.12 3.28 1.72
N GLY B 83 -16.36 3.12 2.15
CA GLY B 83 -17.39 2.46 1.36
C GLY B 83 -18.68 2.40 2.15
N THR B 84 -19.76 2.03 1.48
CA THR B 84 -21.03 1.87 2.15
C THR B 84 -20.92 0.70 3.13
N ASP B 85 -21.22 0.96 4.40
CA ASP B 85 -21.12 -0.05 5.45
C ASP B 85 -19.75 -0.74 5.48
N ALA B 86 -18.71 0.05 5.22
CA ALA B 86 -17.33 -0.46 5.19
C ALA B 86 -16.93 -1.18 6.48
N ILE B 87 -17.41 -0.70 7.62
CA ILE B 87 -16.97 -1.27 8.90
C ILE B 87 -17.38 -2.74 9.04
N SER B 88 -18.67 -3.03 8.93
CA SER B 88 -19.11 -4.41 9.06
C SER B 88 -18.63 -5.30 7.90
N LYS B 89 -18.58 -4.74 6.70
CA LYS B 89 -18.18 -5.52 5.53
C LYS B 89 -16.73 -5.98 5.63
N ILE B 90 -15.85 -5.06 6.03
CA ILE B 90 -14.44 -5.44 6.15
C ILE B 90 -14.20 -6.36 7.35
N ARG B 91 -14.97 -6.18 8.42
CA ARG B 91 -14.94 -7.14 9.52
C ARG B 91 -15.31 -8.56 9.06
N ARG B 92 -16.32 -8.67 8.21
CA ARG B 92 -16.73 -9.96 7.68
C ARG B 92 -15.62 -10.56 6.84
N LEU B 93 -14.98 -9.74 6.01
CA LEU B 93 -13.88 -10.19 5.17
C LEU B 93 -12.69 -10.63 6.04
N GLN B 94 -12.46 -9.92 7.14
CA GLN B 94 -11.34 -10.21 8.04
C GLN B 94 -11.40 -11.62 8.62
N GLY B 95 -12.56 -11.96 9.20
CA GLY B 95 -12.72 -13.26 9.83
C GLY B 95 -12.40 -13.27 11.32
N ASN B 96 -12.86 -14.32 11.99
CA ASN B 96 -12.73 -14.44 13.43
C ASN B 96 -11.28 -14.45 13.91
N THR B 97 -11.05 -13.86 15.08
CA THR B 97 -9.72 -13.83 15.69
C THR B 97 -9.15 -15.23 15.87
N ASN B 98 -10.01 -16.15 16.29
CA ASN B 98 -9.60 -17.51 16.64
C ASN B 98 -9.48 -18.38 15.40
N PRO B 99 -8.29 -18.96 15.16
CA PRO B 99 -8.12 -19.74 13.93
C PRO B 99 -8.92 -21.03 13.93
N LEU B 100 -9.51 -21.39 15.06
CA LEU B 100 -10.41 -22.53 15.10
C LEU B 100 -11.81 -22.16 14.62
N ALA B 101 -12.04 -20.86 14.44
CA ALA B 101 -13.36 -20.35 14.09
C ALA B 101 -13.41 -19.60 12.76
N SER B 102 -12.30 -18.99 12.34
CA SER B 102 -12.34 -18.17 11.13
C SER B 102 -12.67 -19.00 9.89
N ALA B 103 -13.60 -18.51 9.08
CA ALA B 103 -14.13 -19.31 7.98
C ALA B 103 -13.26 -19.26 6.73
N PRO B 104 -13.06 -20.42 6.07
CA PRO B 104 -12.40 -20.35 4.76
C PRO B 104 -13.10 -19.32 3.88
N GLY B 105 -12.33 -18.58 3.09
CA GLY B 105 -12.89 -17.50 2.29
C GLY B 105 -12.59 -16.13 2.89
N THR B 106 -12.43 -16.10 4.22
CA THR B 106 -12.03 -14.85 4.88
C THR B 106 -10.51 -14.74 4.86
N ILE B 107 -10.03 -13.52 5.12
CA ILE B 107 -8.59 -13.28 5.13
C ILE B 107 -7.90 -14.18 6.16
N ARG B 108 -8.38 -14.15 7.39
CA ARG B 108 -7.79 -14.99 8.42
C ARG B 108 -8.09 -16.47 8.21
N GLY B 109 -9.29 -16.78 7.72
CA GLY B 109 -9.64 -18.17 7.48
C GLY B 109 -8.73 -18.83 6.45
N ASP B 110 -8.31 -18.05 5.45
CA ASP B 110 -7.45 -18.58 4.41
C ASP B 110 -5.96 -18.48 4.75
N LEU B 111 -5.58 -17.46 5.51
CA LEU B 111 -4.17 -17.12 5.62
C LEU B 111 -3.56 -17.13 7.03
N ALA B 112 -4.36 -16.97 8.06
CA ALA B 112 -3.82 -16.83 9.41
C ALA B 112 -3.88 -18.17 10.14
N ASN B 113 -2.89 -18.44 11.00
CA ASN B 113 -2.88 -19.71 11.72
C ASN B 113 -2.55 -19.53 13.20
N ASP B 114 -2.86 -18.36 13.73
CA ASP B 114 -2.56 -18.05 15.11
C ASP B 114 -3.51 -16.98 15.61
N ILE B 115 -3.87 -17.03 16.89
CA ILE B 115 -4.81 -16.07 17.43
C ILE B 115 -4.21 -14.67 17.58
N GLY B 116 -2.89 -14.59 17.72
CA GLY B 116 -2.20 -13.33 17.89
C GLY B 116 -1.62 -12.82 16.59
N GLU B 117 -0.83 -13.65 15.91
CA GLU B 117 -0.29 -13.31 14.61
C GLU B 117 -1.38 -13.57 13.57
N ASN B 118 -2.23 -12.57 13.36
CA ASN B 118 -3.46 -12.75 12.62
C ASN B 118 -3.67 -11.74 11.49
N LEU B 119 -2.55 -11.18 11.04
CA LEU B 119 -2.40 -10.47 9.76
C LEU B 119 -3.01 -9.08 9.62
N ILE B 120 -4.20 -8.89 10.20
CA ILE B 120 -4.96 -7.68 9.91
C ILE B 120 -5.82 -7.26 11.10
N HIS B 121 -5.84 -5.96 11.33
CA HIS B 121 -6.81 -5.33 12.22
C HIS B 121 -7.85 -4.57 11.39
N ALA B 122 -9.10 -4.57 11.85
CA ALA B 122 -10.13 -3.70 11.26
C ALA B 122 -11.04 -3.19 12.39
N SER B 123 -11.43 -1.92 12.32
CA SER B 123 -12.31 -1.34 13.34
C SER B 123 -13.60 -2.15 13.50
N ASP B 124 -14.08 -2.28 14.73
CA ASP B 124 -15.24 -3.13 14.98
C ASP B 124 -16.57 -2.38 15.09
N SER B 125 -16.52 -1.05 15.00
CA SER B 125 -17.71 -0.22 15.15
C SER B 125 -17.45 1.20 14.69
N GLU B 126 -18.52 1.98 14.52
CA GLU B 126 -18.39 3.38 14.14
C GLU B 126 -17.55 4.16 15.17
N ASP B 127 -17.86 3.96 16.45
CA ASP B 127 -17.15 4.67 17.50
C ASP B 127 -15.65 4.34 17.53
N SER B 128 -15.33 3.05 17.42
CA SER B 128 -13.92 2.65 17.46
C SER B 128 -13.20 3.07 16.18
N ALA B 129 -13.92 3.08 15.06
CA ALA B 129 -13.31 3.59 13.82
C ALA B 129 -12.87 5.05 13.98
N VAL B 130 -13.75 5.90 14.52
CA VAL B 130 -13.39 7.30 14.72
C VAL B 130 -12.20 7.43 15.65
N ASP B 131 -12.24 6.67 16.74
CA ASP B 131 -11.14 6.65 17.71
C ASP B 131 -9.82 6.20 17.06
N GLU B 132 -9.87 5.11 16.30
CA GLU B 132 -8.64 4.54 15.74
C GLU B 132 -8.08 5.41 14.62
N ILE B 133 -8.97 6.01 13.85
CA ILE B 133 -8.52 6.93 12.82
C ILE B 133 -7.82 8.13 13.46
N SER B 134 -8.35 8.59 14.59
CA SER B 134 -7.75 9.72 15.29
C SER B 134 -6.35 9.39 15.84
N ILE B 135 -6.13 8.12 16.17
CA ILE B 135 -4.84 7.67 16.67
C ILE B 135 -3.77 7.63 15.56
N TRP B 136 -4.15 7.04 14.42
CA TRP B 136 -3.18 6.79 13.36
C TRP B 136 -3.06 7.94 12.39
N PHE B 137 -4.10 8.76 12.33
CA PHE B 137 -4.16 9.89 11.44
C PHE B 137 -4.64 11.14 12.18
N PRO B 138 -3.86 11.60 13.17
CA PRO B 138 -4.32 12.73 14.00
C PRO B 138 -4.50 14.00 13.18
MG MG C . 11.58 7.37 -16.93
O1B DGI D . 8.81 4.02 -19.02
PB DGI D . 8.94 5.46 -18.38
O2B DGI D . 10.45 5.56 -17.52
O3B DGI D . 7.58 5.79 -17.36
O3A DGI D . 8.96 6.45 -19.67
PA DGI D . 9.62 7.92 -19.91
O1A DGI D . 10.26 7.85 -21.37
O2A DGI D . 10.77 8.40 -18.69
O5' DGI D . 8.37 8.89 -19.97
C5' DGI D . 7.80 9.36 -18.74
C4' DGI D . 6.29 9.36 -18.87
O4' DGI D . 5.85 10.28 -19.89
C3' DGI D . 5.73 8.01 -19.30
O3' DGI D . 5.47 7.14 -18.20
C2' DGI D . 4.46 8.36 -20.02
C1' DGI D . 4.75 9.72 -20.62
N9 DGI D . 5.18 9.54 -22.02
C8 DGI D . 6.40 9.22 -22.44
N7 DGI D . 6.39 9.15 -23.80
C5 DGI D . 5.15 9.45 -24.21
C4 DGI D . 4.38 9.71 -23.08
N3 DGI D . 3.09 10.03 -23.20
C2 DGI D . 2.53 10.12 -24.41
N2 DGI D . 1.22 10.46 -24.51
N1 DGI D . 3.25 9.90 -25.52
C6 DGI D . 4.54 9.56 -25.46
O6 DGI D . 5.20 9.35 -26.50
MG MG E . -10.95 -5.71 17.89
O1B DGI F . -8.21 -8.44 16.14
PB DGI F . -9.67 -8.74 16.60
O2B DGI F . -10.77 -7.40 16.41
O3B DGI F . -10.35 -10.12 15.79
O3A DGI F . -9.68 -9.27 18.14
PA DGI F . -9.72 -8.51 19.57
O1A DGI F . -10.20 -7.01 19.52
O2A DGI F . -10.73 -9.51 20.59
O5' DGI F . -8.21 -8.63 20.11
C5' DGI F . -7.24 -7.67 19.69
C4' DGI F . -5.94 -8.40 19.44
O4' DGI F . -5.40 -8.95 20.66
C3' DGI F . -6.11 -9.59 18.51
O3' DGI F . -5.96 -9.22 17.13
C2' DGI F . -5.02 -10.54 18.95
C1' DGI F . -4.86 -10.26 20.44
N9 DGI F . -5.66 -11.27 21.18
C8 DGI F . -6.98 -11.22 21.39
N7 DGI F . -7.34 -12.31 22.11
C5 DGI F . -6.24 -13.05 22.34
C4 DGI F . -5.18 -12.38 21.76
N3 DGI F . -3.95 -12.91 21.84
C2 DGI F . -3.77 -14.07 22.50
N2 DGI F . -2.52 -14.59 22.58
N1 DGI F . -4.79 -14.73 23.08
C6 DGI F . -6.03 -14.25 23.02
O6 DGI F . -6.98 -14.86 23.55
#